data_3S2N
#
_entry.id   3S2N
#
_cell.length_a   96.922
_cell.length_b   96.922
_cell.length_c   104.711
_cell.angle_alpha   90.00
_cell.angle_beta   90.00
_cell.angle_gamma   120.00
#
_symmetry.space_group_name_H-M   'P 31 2 1'
#
loop_
_entity.id
_entity.type
_entity.pdbx_description
1 polymer dipeptidase
2 non-polymer '(2R)-2-{[(S)-[(1R)-1-amino-2-(4-hydroxyphenyl)ethyl](hydroxy)phosphoryl]methyl}butanedioic acid'
3 non-polymer 'ZINC ION'
4 non-polymer 1,2-ETHANEDIOL
5 water water
#
_entity_poly.entity_id   1
_entity_poly.type   'polypeptide(L)'
_entity_poly.pdbx_seq_one_letter_code
;MTSLEKARELLREFPVVDGHNDLPWALREQVRYDLDARDIAADQSAHLHTDLARLRSGGVGAQYWSVYVRSDLPGAVTAT
LEQIDCVRRLIDRHPGELRAALTAADMEAARAEGRIASLMGAEGGHSIDNSLATLRALYALGVRYMTLTHNDNNAWADSA
TDEPGVGGLSAFGREVVREMNREGMLVDLSHVAATTMRDALDTSTAPVIFSHSSSRAVCDHPRNIPDDVLERLSANGGMA
MVTFVPKFVLQAAVDWTAEADDNMRAHGFHHLDSSPEAMKVHAAFEERVPRPVATVSTVADHLDHMREVAGVDHLGIGGD
YDGTPFTPDGLGDVSGYPNLIAELLDRGWSQSDLAKLTWKNAVRVLDAAEDVSRGLRAARGPSNATIEQLDGTAAEQPEG
;
_entity_poly.pdbx_strand_id   A
#
loop_
_chem_comp.id
_chem_comp.type
_chem_comp.name
_chem_comp.formula
EDO non-polymer 1,2-ETHANEDIOL 'C2 H6 O2'
P4D peptide-like '(2R)-2-{[(S)-[(1R)-1-amino-2-(4-hydroxyphenyl)ethyl](hydroxy)phosphoryl]methyl}butanedioic acid' 'C13 H18 N O7 P'
ZN non-polymer 'ZINC ION' 'Zn 2'
#
# COMPACT_ATOMS: atom_id res chain seq x y z
N MET A 1 10.94 10.50 29.97
CA MET A 1 9.60 10.19 29.49
C MET A 1 9.51 8.75 29.03
N THR A 2 8.29 8.26 28.83
CA THR A 2 8.08 6.89 28.38
C THR A 2 8.40 6.78 26.90
N SER A 3 8.55 5.56 26.41
N SER A 3 8.55 5.56 26.41
CA SER A 3 8.81 5.34 25.00
CA SER A 3 8.82 5.36 24.99
C SER A 3 7.66 5.83 24.13
C SER A 3 7.66 5.88 24.14
N LEU A 4 6.44 5.74 24.65
CA LEU A 4 5.28 6.25 23.93
C LEU A 4 5.30 7.78 23.85
N GLU A 5 5.63 8.44 24.95
CA GLU A 5 5.79 9.88 24.92
C GLU A 5 6.90 10.32 23.96
N LYS A 6 8.02 9.60 23.98
CA LYS A 6 9.11 9.89 23.06
C LYS A 6 8.68 9.68 21.61
N ALA A 7 7.96 8.60 21.35
CA ALA A 7 7.47 8.32 20.01
C ALA A 7 6.63 9.46 19.48
N ARG A 8 5.74 10.00 20.30
CA ARG A 8 4.90 11.11 19.84
C ARG A 8 5.73 12.36 19.53
N GLU A 9 6.75 12.61 20.34
CA GLU A 9 7.65 13.72 20.08
C GLU A 9 8.36 13.53 18.74
N LEU A 10 8.86 12.32 18.50
CA LEU A 10 9.55 12.04 17.25
C LEU A 10 8.65 12.21 16.04
N LEU A 11 7.40 11.77 16.16
CA LEU A 11 6.44 11.86 15.05
C LEU A 11 6.03 13.29 14.77
N ARG A 12 6.08 14.14 15.79
CA ARG A 12 5.78 15.55 15.55
C ARG A 12 6.82 16.20 14.64
N GLU A 13 8.07 15.76 14.74
CA GLU A 13 9.13 16.27 13.89
C GLU A 13 9.16 15.60 12.51
N PHE A 14 9.07 14.26 12.52
CA PHE A 14 9.10 13.49 11.28
C PHE A 14 7.96 12.49 11.27
N PRO A 15 6.81 12.93 10.75
CA PRO A 15 5.59 12.11 10.83
C PRO A 15 5.58 10.95 9.85
N VAL A 16 4.59 10.08 10.00
CA VAL A 16 4.42 8.94 9.11
C VAL A 16 3.93 9.37 7.74
N VAL A 17 4.62 8.89 6.71
CA VAL A 17 4.08 8.83 5.34
C VAL A 17 3.53 7.43 5.19
N ASP A 18 2.20 7.27 5.20
CA ASP A 18 1.62 5.96 5.08
C ASP A 18 1.37 5.61 3.61
N GLY A 19 1.79 4.40 3.23
CA GLY A 19 1.75 3.99 1.85
C GLY A 19 0.42 3.55 1.26
N HIS A 20 -0.58 3.23 2.07
CA HIS A 20 -1.82 2.66 1.51
C HIS A 20 -2.96 2.68 2.50
N ASN A 21 -3.93 3.55 2.25
CA ASN A 21 -5.16 3.61 3.06
C ASN A 21 -6.35 3.59 2.10
N ASP A 22 -7.30 2.68 2.35
CA ASP A 22 -8.44 2.47 1.44
C ASP A 22 -9.70 3.22 1.83
N LEU A 23 -9.55 4.33 2.55
CA LEU A 23 -10.73 5.14 2.87
C LEU A 23 -11.66 5.40 1.66
N PRO A 24 -11.10 5.71 0.47
CA PRO A 24 -12.02 5.98 -0.64
C PRO A 24 -12.92 4.79 -0.97
N TRP A 25 -12.35 3.59 -1.05
CA TRP A 25 -13.19 2.41 -1.33
C TRP A 25 -14.20 2.20 -0.20
N ALA A 26 -13.78 2.43 1.04
CA ALA A 26 -14.70 2.27 2.17
C ALA A 26 -15.87 3.24 2.04
N LEU A 27 -15.59 4.47 1.63
CA LEU A 27 -16.66 5.44 1.42
C LEU A 27 -17.56 5.06 0.26
N ARG A 28 -16.96 4.52 -0.79
CA ARG A 28 -17.74 4.01 -1.94
C ARG A 28 -18.71 2.94 -1.49
N GLU A 29 -18.21 1.97 -0.73
CA GLU A 29 -19.01 0.82 -0.31
C GLU A 29 -20.02 1.15 0.77
N GLN A 30 -19.63 1.94 1.76
CA GLN A 30 -20.52 2.19 2.89
C GLN A 30 -21.61 3.18 2.57
N VAL A 31 -21.28 4.25 1.87
CA VAL A 31 -22.23 5.34 1.66
C VAL A 31 -22.25 5.88 0.23
N ARG A 32 -21.69 5.12 -0.72
CA ARG A 32 -21.55 5.58 -2.10
C ARG A 32 -21.14 7.05 -2.20
N TYR A 33 -20.10 7.38 -1.45
CA TYR A 33 -19.47 8.70 -1.51
C TYR A 33 -20.35 9.83 -0.98
N ASP A 34 -21.35 9.51 -0.17
CA ASP A 34 -22.10 10.54 0.54
C ASP A 34 -21.24 10.98 1.73
N LEU A 35 -20.36 11.94 1.48
CA LEU A 35 -19.30 12.26 2.43
C LEU A 35 -19.80 12.83 3.75
N ASP A 36 -20.95 13.51 3.72
CA ASP A 36 -21.58 14.02 4.93
C ASP A 36 -21.94 12.89 5.89
N ALA A 37 -22.22 11.71 5.34
CA ALA A 37 -22.63 10.56 6.15
C ALA A 37 -21.46 9.89 6.87
N ARG A 38 -20.24 10.23 6.45
CA ARG A 38 -19.01 9.71 7.07
C ARG A 38 -17.99 10.83 7.25
N ASP A 39 -18.47 12.00 7.65
CA ASP A 39 -17.66 13.21 7.73
C ASP A 39 -16.39 12.97 8.55
N ILE A 40 -15.23 13.00 7.90
CA ILE A 40 -13.99 12.68 8.64
C ILE A 40 -13.52 13.81 9.55
N ALA A 41 -14.26 14.93 9.56
CA ALA A 41 -14.02 15.98 10.53
C ALA A 41 -14.72 15.65 11.85
N ALA A 42 -15.47 14.56 11.85
CA ALA A 42 -16.13 14.04 13.05
C ALA A 42 -15.58 12.65 13.38
N ASP A 43 -15.99 12.09 14.51
CA ASP A 43 -15.47 10.82 14.97
C ASP A 43 -16.16 9.67 14.22
N GLN A 44 -15.39 8.95 13.41
CA GLN A 44 -15.94 7.87 12.60
C GLN A 44 -15.53 6.49 13.10
N SER A 45 -15.12 6.42 14.36
N SER A 45 -15.13 6.40 14.36
CA SER A 45 -14.63 5.17 14.95
CA SER A 45 -14.60 5.15 14.89
C SER A 45 -15.59 3.99 14.81
C SER A 45 -15.59 3.98 14.85
N ALA A 46 -16.88 4.28 14.77
CA ALA A 46 -17.88 3.22 14.66
C ALA A 46 -17.88 2.53 13.30
N HIS A 47 -17.36 3.22 12.28
CA HIS A 47 -17.51 2.76 10.91
C HIS A 47 -16.19 2.56 10.15
N LEU A 48 -15.17 3.33 10.54
CA LEU A 48 -13.95 3.42 9.75
C LEU A 48 -12.72 3.39 10.65
N HIS A 49 -11.60 2.93 10.10
CA HIS A 49 -10.31 3.06 10.76
C HIS A 49 -9.78 4.49 10.74
N THR A 50 -10.33 5.31 9.84
CA THR A 50 -9.75 6.61 9.53
C THR A 50 -10.69 7.78 9.79
N ASP A 51 -10.20 8.80 10.49
CA ASP A 51 -10.76 10.15 10.38
C ASP A 51 -9.65 11.15 10.71
N LEU A 52 -9.93 12.43 10.60
CA LEU A 52 -8.88 13.45 10.70
C LEU A 52 -8.27 13.50 12.09
N ALA A 53 -9.09 13.43 13.13
CA ALA A 53 -8.56 13.50 14.47
C ALA A 53 -7.66 12.31 14.80
N ARG A 54 -8.06 11.13 14.35
CA ARG A 54 -7.24 9.94 14.59
C ARG A 54 -5.95 9.95 13.77
N LEU A 55 -6.00 10.50 12.56
CA LEU A 55 -4.76 10.66 11.79
C LEU A 55 -3.78 11.56 12.52
N ARG A 56 -4.28 12.65 13.10
CA ARG A 56 -3.41 13.56 13.82
C ARG A 56 -2.85 12.89 15.07
N SER A 57 -3.71 12.22 15.82
CA SER A 57 -3.26 11.48 17.00
C SER A 57 -2.22 10.43 16.65
N GLY A 58 -2.37 9.83 15.47
CA GLY A 58 -1.46 8.79 15.03
C GLY A 58 -0.13 9.29 14.48
N GLY A 59 -0.02 10.60 14.28
CA GLY A 59 1.21 11.17 13.76
C GLY A 59 1.37 10.96 12.27
N VAL A 60 0.26 10.86 11.54
CA VAL A 60 0.32 10.74 10.09
C VAL A 60 0.49 12.11 9.46
N GLY A 61 1.58 12.31 8.73
CA GLY A 61 1.85 13.57 8.07
C GLY A 61 1.67 13.55 6.55
N ALA A 62 1.57 12.35 5.98
CA ALA A 62 1.26 12.22 4.56
C ALA A 62 0.58 10.89 4.37
N GLN A 63 -0.37 10.87 3.45
CA GLN A 63 -1.10 9.65 3.15
C GLN A 63 -1.19 9.44 1.66
N TYR A 64 -0.75 8.28 1.17
CA TYR A 64 -1.16 7.82 -0.15
C TYR A 64 -2.55 7.21 -0.01
N TRP A 65 -3.54 7.93 -0.54
CA TRP A 65 -4.91 7.45 -0.54
C TRP A 65 -5.07 6.49 -1.71
N SER A 66 -5.49 5.27 -1.43
CA SER A 66 -5.68 4.27 -2.47
C SER A 66 -6.89 4.59 -3.32
N VAL A 67 -6.73 4.51 -4.63
CA VAL A 67 -7.87 4.61 -5.55
C VAL A 67 -8.18 3.25 -6.17
N TYR A 68 -7.91 2.20 -5.40
CA TYR A 68 -8.35 0.83 -5.67
C TYR A 68 -9.74 0.73 -6.29
N VAL A 69 -9.86 -0.15 -7.29
CA VAL A 69 -11.16 -0.60 -7.78
C VAL A 69 -11.08 -2.10 -8.05
N ARG A 70 -12.23 -2.76 -8.12
CA ARG A 70 -12.25 -4.21 -8.30
C ARG A 70 -11.81 -4.62 -9.70
N SER A 71 -10.90 -5.60 -9.78
CA SER A 71 -10.50 -6.10 -11.09
C SER A 71 -11.50 -7.09 -11.68
N ASP A 72 -12.41 -7.60 -10.85
CA ASP A 72 -13.35 -8.64 -11.29
C ASP A 72 -14.70 -8.05 -11.70
N LEU A 73 -14.76 -6.73 -11.85
CA LEU A 73 -15.95 -6.05 -12.36
C LEU A 73 -15.58 -5.21 -13.56
N PRO A 74 -16.53 -5.00 -14.47
CA PRO A 74 -16.26 -4.12 -15.61
C PRO A 74 -16.15 -2.66 -15.18
N GLY A 75 -15.72 -1.81 -16.10
CA GLY A 75 -15.71 -0.38 -15.88
C GLY A 75 -14.68 0.10 -14.87
N ALA A 76 -13.53 -0.57 -14.83
CA ALA A 76 -12.48 -0.20 -13.89
C ALA A 76 -11.98 1.21 -14.07
N VAL A 77 -11.89 1.68 -15.31
CA VAL A 77 -11.38 3.04 -15.52
C VAL A 77 -12.36 4.06 -14.95
N THR A 78 -13.64 3.90 -15.26
CA THR A 78 -14.65 4.81 -14.71
C THR A 78 -14.61 4.79 -13.19
N ALA A 79 -14.56 3.59 -12.61
CA ALA A 79 -14.51 3.49 -11.15
C ALA A 79 -13.26 4.14 -10.56
N THR A 80 -12.14 4.04 -11.26
CA THR A 80 -10.91 4.67 -10.80
C THR A 80 -11.06 6.20 -10.79
N LEU A 81 -11.70 6.74 -11.82
CA LEU A 81 -11.96 8.18 -11.86
C LEU A 81 -12.87 8.61 -10.72
N GLU A 82 -13.83 7.75 -10.36
CA GLU A 82 -14.70 8.03 -9.22
C GLU A 82 -13.93 8.01 -7.90
N GLN A 83 -12.98 7.08 -7.77
CA GLN A 83 -12.14 7.03 -6.59
C GLN A 83 -11.24 8.27 -6.49
N ILE A 84 -10.65 8.68 -7.61
CA ILE A 84 -9.84 9.90 -7.65
C ILE A 84 -10.69 11.12 -7.27
N ASP A 85 -11.90 11.20 -7.81
CA ASP A 85 -12.82 12.27 -7.47
C ASP A 85 -13.13 12.29 -5.96
N CYS A 86 -13.30 11.12 -5.36
CA CYS A 86 -13.52 11.05 -3.93
C CYS A 86 -12.36 11.68 -3.14
N VAL A 87 -11.12 11.35 -3.53
CA VAL A 87 -9.95 11.93 -2.86
C VAL A 87 -9.93 13.46 -3.04
N ARG A 88 -10.18 13.91 -4.26
CA ARG A 88 -10.23 15.35 -4.54
C ARG A 88 -11.27 16.05 -3.67
N ARG A 89 -12.44 15.42 -3.52
CA ARG A 89 -13.51 16.00 -2.71
C ARG A 89 -13.13 16.06 -1.24
N LEU A 90 -12.49 15.00 -0.74
CA LEU A 90 -12.03 15.02 0.65
C LEU A 90 -11.03 16.15 0.88
N ILE A 91 -10.08 16.31 -0.02
CA ILE A 91 -9.12 17.40 0.11
C ILE A 91 -9.84 18.77 0.09
N ASP A 92 -10.78 18.95 -0.82
CA ASP A 92 -11.49 20.22 -0.93
C ASP A 92 -12.33 20.50 0.30
N ARG A 93 -12.90 19.45 0.92
CA ARG A 93 -13.75 19.62 2.09
C ARG A 93 -12.98 19.97 3.36
N HIS A 94 -11.70 19.63 3.41
CA HIS A 94 -10.95 19.74 4.66
C HIS A 94 -9.62 20.47 4.45
N PRO A 95 -9.67 21.71 3.96
CA PRO A 95 -8.45 22.47 3.67
C PRO A 95 -7.62 22.79 4.91
N GLY A 96 -8.25 22.81 6.08
CA GLY A 96 -7.51 23.06 7.30
C GLY A 96 -6.58 21.91 7.66
N GLU A 97 -6.95 20.70 7.25
CA GLU A 97 -6.25 19.49 7.68
C GLU A 97 -5.46 18.78 6.58
N LEU A 98 -5.92 18.90 5.33
CA LEU A 98 -5.34 18.17 4.21
C LEU A 98 -4.80 19.13 3.15
N ARG A 99 -3.73 18.72 2.48
CA ARG A 99 -3.19 19.48 1.35
C ARG A 99 -2.84 18.50 0.25
N ALA A 100 -3.33 18.73 -0.95
CA ALA A 100 -2.96 17.88 -2.09
C ALA A 100 -1.46 17.90 -2.25
N ALA A 101 -0.88 16.75 -2.55
CA ALA A 101 0.54 16.68 -2.84
C ALA A 101 0.80 15.85 -4.07
N LEU A 102 1.55 16.44 -5.01
CA LEU A 102 1.90 15.77 -6.26
C LEU A 102 3.38 15.47 -6.33
N THR A 103 4.16 16.11 -5.45
CA THR A 103 5.62 16.03 -5.50
C THR A 103 6.20 15.92 -4.11
N ALA A 104 7.47 15.54 -4.06
CA ALA A 104 8.20 15.50 -2.80
C ALA A 104 8.23 16.89 -2.17
N ALA A 105 8.41 17.92 -2.99
CA ALA A 105 8.39 19.29 -2.47
C ALA A 105 7.03 19.63 -1.84
N ASP A 106 5.93 19.16 -2.44
CA ASP A 106 4.62 19.38 -1.86
C ASP A 106 4.51 18.68 -0.50
N MET A 107 5.12 17.51 -0.36
CA MET A 107 5.07 16.82 0.92
C MET A 107 5.75 17.66 2.00
N GLU A 108 6.92 18.22 1.66
CA GLU A 108 7.61 19.06 2.64
C GLU A 108 6.84 20.34 2.92
N ALA A 109 6.19 20.90 1.90
CA ALA A 109 5.41 22.12 2.12
C ALA A 109 4.26 21.84 3.07
N ALA A 110 3.61 20.68 2.90
CA ALA A 110 2.54 20.28 3.80
C ALA A 110 3.06 20.13 5.23
N ARG A 111 4.20 19.46 5.39
CA ARG A 111 4.77 19.26 6.72
C ARG A 111 5.10 20.60 7.39
N ALA A 112 5.63 21.55 6.62
CA ALA A 112 5.98 22.85 7.18
C ALA A 112 4.75 23.61 7.68
N GLU A 113 3.60 23.38 7.05
CA GLU A 113 2.40 24.09 7.48
C GLU A 113 1.46 23.27 8.34
N GLY A 114 1.84 22.04 8.66
CA GLY A 114 1.06 21.21 9.55
C GLY A 114 -0.20 20.64 8.94
N ARG A 115 -0.17 20.41 7.63
CA ARG A 115 -1.28 19.73 6.97
C ARG A 115 -0.83 18.37 6.47
N ILE A 116 -1.78 17.44 6.37
CA ILE A 116 -1.47 16.09 5.90
C ILE A 116 -1.40 16.08 4.37
N ALA A 117 -0.20 15.81 3.85
CA ALA A 117 -0.01 15.72 2.42
C ALA A 117 -0.82 14.55 1.90
N SER A 118 -1.65 14.82 0.90
CA SER A 118 -2.59 13.81 0.41
C SER A 118 -2.25 13.45 -1.03
N LEU A 119 -1.73 12.25 -1.20
CA LEU A 119 -1.36 11.71 -2.51
C LEU A 119 -2.32 10.60 -2.90
N MET A 120 -2.15 10.09 -4.11
CA MET A 120 -2.97 8.99 -4.60
C MET A 120 -2.14 7.87 -5.18
N GLY A 121 -2.58 6.64 -4.94
CA GLY A 121 -1.96 5.48 -5.54
C GLY A 121 -3.05 4.57 -6.07
N ALA A 122 -2.91 4.16 -7.34
CA ALA A 122 -3.84 3.20 -7.94
C ALA A 122 -3.42 1.81 -7.53
N GLU A 123 -4.39 0.93 -7.32
CA GLU A 123 -4.10 -0.41 -6.84
C GLU A 123 -4.48 -1.48 -7.84
N GLY A 124 -3.62 -1.67 -8.84
CA GLY A 124 -3.80 -2.70 -9.85
C GLY A 124 -3.78 -2.14 -11.25
N GLY A 125 -3.02 -2.80 -12.13
CA GLY A 125 -2.85 -2.35 -13.49
C GLY A 125 -4.13 -2.38 -14.31
N HIS A 126 -5.15 -3.11 -13.85
CA HIS A 126 -6.45 -3.10 -14.52
C HIS A 126 -7.02 -1.68 -14.59
N SER A 127 -6.56 -0.80 -13.71
CA SER A 127 -7.01 0.60 -13.73
C SER A 127 -6.64 1.37 -14.99
N ILE A 128 -5.71 0.83 -15.79
CA ILE A 128 -5.36 1.50 -17.06
C ILE A 128 -5.92 0.82 -18.32
N ASP A 129 -6.63 -0.30 -18.16
CA ASP A 129 -7.31 -0.92 -19.30
C ASP A 129 -6.37 -1.11 -20.49
N ASN A 130 -5.18 -1.65 -20.20
CA ASN A 130 -4.16 -1.93 -21.23
C ASN A 130 -3.78 -0.74 -22.09
N SER A 131 -3.92 0.48 -21.56
CA SER A 131 -3.76 1.70 -22.35
C SER A 131 -2.71 2.61 -21.73
N LEU A 132 -1.60 2.82 -22.43
CA LEU A 132 -0.55 3.70 -21.93
C LEU A 132 -1.02 5.15 -21.83
N ALA A 133 -1.90 5.57 -22.75
CA ALA A 133 -2.46 6.92 -22.66
C ALA A 133 -3.31 7.07 -21.41
N THR A 134 -4.01 6.00 -21.02
CA THR A 134 -4.80 6.02 -19.80
C THR A 134 -3.90 6.13 -18.58
N LEU A 135 -2.78 5.39 -18.58
CA LEU A 135 -1.77 5.57 -17.54
C LEU A 135 -1.36 7.04 -17.43
N ARG A 136 -1.07 7.67 -18.57
CA ARG A 136 -0.67 9.07 -18.56
C ARG A 136 -1.80 9.97 -18.04
N ALA A 137 -3.06 9.65 -18.36
CA ALA A 137 -4.19 10.41 -17.81
C ALA A 137 -4.28 10.28 -16.29
N LEU A 138 -4.07 9.07 -15.76
CA LEU A 138 -4.08 8.90 -14.31
C LEU A 138 -2.99 9.73 -13.66
N TYR A 139 -1.80 9.75 -14.26
CA TYR A 139 -0.75 10.60 -13.73
C TYR A 139 -1.18 12.07 -13.75
N ALA A 140 -1.76 12.50 -14.86
CA ALA A 140 -2.21 13.89 -14.98
C ALA A 140 -3.22 14.26 -13.91
N LEU A 141 -4.03 13.29 -13.49
CA LEU A 141 -5.03 13.52 -12.45
C LEU A 141 -4.47 13.45 -11.04
N GLY A 142 -3.21 13.04 -10.92
CA GLY A 142 -2.53 13.08 -9.63
C GLY A 142 -2.08 11.74 -9.07
N VAL A 143 -2.30 10.66 -9.81
CA VAL A 143 -1.88 9.35 -9.31
C VAL A 143 -0.34 9.25 -9.32
N ARG A 144 0.26 8.86 -8.19
CA ARG A 144 1.72 8.85 -8.08
C ARG A 144 2.36 7.49 -7.83
N TYR A 145 1.54 6.45 -7.66
CA TYR A 145 2.02 5.07 -7.78
C TYR A 145 0.93 4.20 -8.36
N MET A 146 1.33 3.07 -8.94
CA MET A 146 0.34 2.07 -9.33
C MET A 146 0.85 0.68 -8.97
N THR A 147 0.08 -0.03 -8.17
CA THR A 147 0.35 -1.43 -7.89
C THR A 147 0.13 -2.19 -9.19
N LEU A 148 1.09 -3.01 -9.62
CA LEU A 148 0.99 -3.53 -10.99
C LEU A 148 -0.16 -4.53 -11.17
N THR A 149 -0.45 -5.31 -10.12
CA THR A 149 -1.68 -6.12 -10.10
C THR A 149 -2.38 -5.91 -8.78
N HIS A 150 -3.63 -6.37 -8.71
CA HIS A 150 -4.25 -6.62 -7.42
C HIS A 150 -4.18 -8.14 -7.18
N ASN A 151 -5.28 -8.77 -6.73
CA ASN A 151 -5.23 -10.19 -6.35
C ASN A 151 -5.24 -11.17 -7.52
N ASP A 152 -5.55 -10.67 -8.72
CA ASP A 152 -5.61 -11.51 -9.91
C ASP A 152 -4.60 -11.03 -10.94
N ASN A 153 -4.12 -11.96 -11.76
CA ASN A 153 -3.31 -11.59 -12.90
C ASN A 153 -4.05 -10.57 -13.75
N ASN A 154 -3.31 -9.71 -14.43
CA ASN A 154 -3.88 -9.00 -15.57
C ASN A 154 -3.17 -9.49 -16.84
N ALA A 155 -3.40 -8.86 -17.98
CA ALA A 155 -2.88 -9.44 -19.23
C ALA A 155 -1.36 -9.38 -19.32
N TRP A 156 -0.75 -8.49 -18.55
CA TRP A 156 0.67 -8.19 -18.71
C TRP A 156 1.51 -8.35 -17.45
N ALA A 157 0.89 -8.78 -16.35
CA ALA A 157 1.60 -8.96 -15.08
C ALA A 157 0.96 -10.04 -14.23
N ASP A 158 1.80 -10.80 -13.53
CA ASP A 158 1.34 -11.90 -12.67
C ASP A 158 1.18 -11.46 -11.21
N SER A 159 0.06 -11.86 -10.62
CA SER A 159 -0.25 -11.58 -9.21
C SER A 159 0.25 -12.69 -8.31
N ALA A 160 0.63 -12.33 -7.09
CA ALA A 160 1.11 -13.32 -6.12
C ALA A 160 0.01 -14.29 -5.71
N THR A 161 -1.25 -13.86 -5.83
CA THR A 161 -2.38 -14.65 -5.35
C THR A 161 -3.20 -15.23 -6.52
N ASP A 162 -2.51 -15.52 -7.61
CA ASP A 162 -3.10 -16.17 -8.77
C ASP A 162 -2.08 -17.20 -9.26
N GLU A 163 -2.48 -18.02 -10.23
CA GLU A 163 -1.56 -18.98 -10.85
C GLU A 163 -0.61 -18.25 -11.79
N PRO A 164 0.54 -18.85 -12.10
CA PRO A 164 1.42 -18.22 -13.09
C PRO A 164 0.68 -17.94 -14.38
N GLY A 165 0.96 -16.78 -14.98
CA GLY A 165 0.33 -16.38 -16.22
C GLY A 165 1.36 -16.12 -17.29
N VAL A 166 1.87 -14.90 -17.34
CA VAL A 166 2.89 -14.53 -18.33
C VAL A 166 4.32 -14.75 -17.85
N GLY A 167 4.49 -15.11 -16.59
CA GLY A 167 5.80 -15.44 -16.06
C GLY A 167 6.50 -14.28 -15.36
N GLY A 168 5.73 -13.25 -14.99
CA GLY A 168 6.25 -12.04 -14.38
C GLY A 168 5.61 -10.88 -15.10
N LEU A 169 6.42 -10.10 -15.80
CA LEU A 169 5.93 -9.09 -16.74
C LEU A 169 6.02 -9.61 -18.15
N SER A 170 5.00 -9.34 -18.96
CA SER A 170 5.09 -9.56 -20.40
C SER A 170 5.87 -8.41 -21.03
N ALA A 171 6.08 -8.45 -22.35
CA ALA A 171 6.73 -7.36 -23.04
C ALA A 171 5.97 -6.05 -22.82
N PHE A 172 4.65 -6.11 -22.92
CA PHE A 172 3.85 -4.91 -22.67
C PHE A 172 3.96 -4.48 -21.20
N GLY A 173 4.04 -5.45 -20.30
CA GLY A 173 4.26 -5.14 -18.89
C GLY A 173 5.55 -4.34 -18.68
N ARG A 174 6.62 -4.72 -19.36
CA ARG A 174 7.86 -3.97 -19.26
C ARG A 174 7.68 -2.55 -19.83
N GLU A 175 6.89 -2.45 -20.90
CA GLU A 175 6.58 -1.14 -21.49
C GLU A 175 5.81 -0.26 -20.49
N VAL A 176 4.89 -0.86 -19.74
CA VAL A 176 4.18 -0.12 -18.69
C VAL A 176 5.17 0.42 -17.66
N VAL A 177 6.10 -0.43 -17.20
CA VAL A 177 7.10 0.03 -16.25
C VAL A 177 7.94 1.18 -16.82
N ARG A 178 8.37 1.05 -18.09
CA ARG A 178 9.13 2.11 -18.72
C ARG A 178 8.34 3.43 -18.75
N GLU A 179 7.05 3.35 -19.03
CA GLU A 179 6.25 4.56 -19.12
C GLU A 179 6.01 5.16 -17.76
N MET A 180 5.81 4.31 -16.75
CA MET A 180 5.74 4.81 -15.38
C MET A 180 7.04 5.53 -15.02
N ASN A 181 8.18 4.95 -15.39
CA ASN A 181 9.46 5.62 -15.14
C ASN A 181 9.50 6.98 -15.82
N ARG A 182 9.04 7.05 -17.07
CA ARG A 182 9.10 8.34 -17.78
C ARG A 182 8.15 9.36 -17.17
N GLU A 183 6.97 8.92 -16.74
CA GLU A 183 6.02 9.87 -16.13
C GLU A 183 6.43 10.33 -14.74
N GLY A 184 7.14 9.48 -14.01
CA GLY A 184 7.41 9.73 -12.62
C GLY A 184 6.42 9.06 -11.69
N MET A 185 5.72 8.04 -12.18
CA MET A 185 4.82 7.27 -11.33
C MET A 185 5.58 6.12 -10.69
N LEU A 186 5.50 6.00 -9.37
CA LEU A 186 6.19 4.90 -8.68
C LEU A 186 5.58 3.54 -9.02
N VAL A 187 6.45 2.59 -9.32
CA VAL A 187 6.06 1.22 -9.54
C VAL A 187 5.86 0.56 -8.19
N ASP A 188 4.63 0.10 -7.92
CA ASP A 188 4.32 -0.57 -6.66
C ASP A 188 4.22 -2.08 -6.87
N LEU A 189 5.00 -2.82 -6.09
CA LEU A 189 5.13 -4.26 -6.21
C LEU A 189 4.46 -5.04 -5.07
N SER A 190 3.67 -4.34 -4.26
CA SER A 190 2.72 -5.07 -3.45
C SER A 190 1.83 -5.89 -4.39
N HIS A 191 1.28 -6.98 -3.87
CA HIS A 191 0.36 -7.87 -4.62
C HIS A 191 0.96 -8.72 -5.73
N VAL A 192 2.07 -8.30 -6.32
CA VAL A 192 2.56 -9.02 -7.49
C VAL A 192 3.36 -10.26 -7.11
N ALA A 193 3.45 -11.19 -8.06
CA ALA A 193 4.24 -12.40 -7.87
C ALA A 193 5.73 -12.07 -7.75
N ALA A 194 6.49 -12.95 -7.10
CA ALA A 194 7.92 -12.74 -6.98
C ALA A 194 8.60 -12.65 -8.35
N THR A 195 8.11 -13.41 -9.33
CA THR A 195 8.62 -13.29 -10.69
C THR A 195 8.42 -11.86 -11.21
N THR A 196 7.22 -11.32 -11.00
CA THR A 196 6.92 -9.96 -11.41
C THR A 196 7.81 -8.95 -10.69
N MET A 197 8.08 -9.18 -9.41
CA MET A 197 8.98 -8.29 -8.67
C MET A 197 10.36 -8.23 -9.33
N ARG A 198 10.88 -9.40 -9.68
CA ARG A 198 12.22 -9.46 -10.26
C ARG A 198 12.25 -8.81 -11.65
N ASP A 199 11.23 -9.08 -12.46
CA ASP A 199 11.15 -8.47 -13.78
C ASP A 199 11.04 -6.94 -13.68
N ALA A 200 10.27 -6.46 -12.70
CA ALA A 200 10.12 -5.02 -12.54
C ALA A 200 11.43 -4.39 -12.08
N LEU A 201 12.14 -5.08 -11.19
CA LEU A 201 13.43 -4.56 -10.73
C LEU A 201 14.47 -4.59 -11.85
N ASP A 202 14.39 -5.58 -12.75
CA ASP A 202 15.29 -5.61 -13.91
C ASP A 202 15.04 -4.42 -14.84
N THR A 203 13.77 -4.06 -15.00
CA THR A 203 13.35 -3.09 -16.00
C THR A 203 13.39 -1.65 -15.52
N SER A 204 13.00 -1.44 -14.26
CA SER A 204 12.82 -0.08 -13.76
C SER A 204 14.15 0.66 -13.64
N THR A 205 14.15 1.89 -14.12
CA THR A 205 15.28 2.80 -13.92
C THR A 205 15.03 3.77 -12.76
N ALA A 206 13.92 3.59 -12.05
CA ALA A 206 13.63 4.39 -10.86
C ALA A 206 13.42 3.49 -9.66
N PRO A 207 13.62 4.03 -8.46
CA PRO A 207 13.27 3.31 -7.23
C PRO A 207 11.82 2.84 -7.26
N VAL A 208 11.60 1.61 -6.86
CA VAL A 208 10.26 1.04 -6.75
C VAL A 208 9.80 0.99 -5.31
N ILE A 209 8.51 0.79 -5.09
CA ILE A 209 8.01 0.63 -3.73
C ILE A 209 7.18 -0.63 -3.58
N PHE A 210 6.97 -1.02 -2.32
CA PHE A 210 5.90 -1.93 -1.94
C PHE A 210 5.05 -1.11 -0.99
N SER A 211 3.85 -0.72 -1.43
CA SER A 211 3.04 0.20 -0.63
C SER A 211 2.44 -0.42 0.62
N HIS A 212 2.27 -1.74 0.61
CA HIS A 212 1.75 -2.47 1.77
C HIS A 212 2.13 -3.95 1.67
N SER A 213 3.38 -4.28 1.99
CA SER A 213 3.83 -5.67 2.05
C SER A 213 4.82 -5.87 3.18
N SER A 214 4.82 -7.08 3.75
CA SER A 214 5.74 -7.38 4.85
C SER A 214 6.73 -8.47 4.42
N SER A 215 7.29 -9.22 5.36
CA SER A 215 8.45 -10.08 5.05
C SER A 215 8.10 -11.56 4.93
N ARG A 216 8.43 -12.15 3.79
CA ARG A 216 8.14 -13.57 3.54
C ARG A 216 9.02 -14.49 4.40
N ALA A 217 10.25 -14.07 4.71
CA ALA A 217 11.12 -14.86 5.59
C ALA A 217 10.52 -14.95 6.98
N VAL A 218 9.91 -13.86 7.44
CA VAL A 218 9.29 -13.85 8.76
C VAL A 218 7.96 -14.62 8.75
N CYS A 219 7.21 -14.48 7.66
N CYS A 219 7.19 -14.43 7.68
CA CYS A 219 5.93 -15.16 7.56
CA CYS A 219 5.92 -15.11 7.50
C CYS A 219 5.68 -15.52 6.10
C CYS A 219 5.75 -15.51 6.05
N ASP A 220 5.78 -16.82 5.79
CA ASP A 220 5.70 -17.28 4.41
C ASP A 220 4.29 -17.18 3.87
N HIS A 221 4.06 -16.12 3.09
CA HIS A 221 2.79 -15.89 2.40
C HIS A 221 3.14 -15.13 1.13
N PRO A 222 2.45 -15.42 0.03
CA PRO A 222 2.83 -14.78 -1.24
C PRO A 222 2.65 -13.26 -1.26
N ARG A 223 1.85 -12.71 -0.37
CA ARG A 223 1.71 -11.25 -0.31
C ARG A 223 2.91 -10.56 0.32
N ASN A 224 3.81 -11.34 0.93
CA ASN A 224 5.00 -10.79 1.55
C ASN A 224 6.21 -10.88 0.61
N ILE A 225 7.29 -10.18 0.97
CA ILE A 225 8.42 -10.00 0.06
C ILE A 225 9.56 -10.96 0.39
N PRO A 226 10.07 -11.70 -0.61
CA PRO A 226 11.23 -12.59 -0.36
C PRO A 226 12.50 -11.82 -0.05
N ASP A 227 13.39 -12.42 0.73
CA ASP A 227 14.67 -11.80 1.03
C ASP A 227 15.46 -11.40 -0.22
N ASP A 228 15.46 -12.24 -1.26
CA ASP A 228 16.29 -11.93 -2.43
C ASP A 228 15.83 -10.65 -3.11
N VAL A 229 14.53 -10.37 -3.00
CA VAL A 229 13.97 -9.13 -3.53
C VAL A 229 14.31 -7.95 -2.61
N LEU A 230 14.16 -8.13 -1.30
CA LEU A 230 14.56 -7.09 -0.36
C LEU A 230 16.02 -6.68 -0.57
N GLU A 231 16.87 -7.67 -0.85
CA GLU A 231 18.30 -7.40 -1.02
C GLU A 231 18.57 -6.49 -2.20
N ARG A 232 17.72 -6.54 -3.22
CA ARG A 232 17.88 -5.70 -4.39
C ARG A 232 17.46 -4.24 -4.17
N LEU A 233 16.83 -3.93 -3.03
CA LEU A 233 16.34 -2.55 -2.83
C LEU A 233 17.40 -1.47 -2.66
N SER A 234 18.52 -1.82 -2.03
N SER A 234 18.51 -1.81 -2.01
CA SER A 234 19.58 -0.84 -1.84
CA SER A 234 19.59 -0.86 -1.86
C SER A 234 20.16 -0.38 -3.18
C SER A 234 20.03 -0.36 -3.22
N ALA A 235 20.30 -1.30 -4.13
CA ALA A 235 20.77 -0.96 -5.46
C ALA A 235 19.70 -0.19 -6.23
N ASN A 236 18.44 -0.64 -6.12
CA ASN A 236 17.35 0.02 -6.82
C ASN A 236 17.01 1.38 -6.22
N GLY A 237 17.23 1.52 -4.91
CA GLY A 237 16.97 2.76 -4.19
C GLY A 237 15.57 2.86 -3.62
N GLY A 238 14.76 1.82 -3.79
CA GLY A 238 13.37 1.86 -3.38
C GLY A 238 13.11 1.53 -1.93
N MET A 239 11.86 1.20 -1.62
CA MET A 239 11.50 0.93 -0.23
C MET A 239 10.30 0.02 -0.09
N ALA A 240 10.33 -0.77 0.98
CA ALA A 240 9.24 -1.67 1.32
C ALA A 240 8.49 -1.10 2.51
N MET A 241 7.20 -0.84 2.32
CA MET A 241 6.37 -0.25 3.36
C MET A 241 5.57 -1.34 4.06
N VAL A 242 6.01 -1.66 5.27
CA VAL A 242 5.47 -2.80 6.01
C VAL A 242 3.99 -2.63 6.23
N THR A 243 3.24 -3.73 6.15
CA THR A 243 1.81 -3.68 6.38
C THR A 243 1.41 -4.42 7.65
N PHE A 244 0.19 -4.16 8.11
CA PHE A 244 -0.25 -4.63 9.42
C PHE A 244 -1.20 -5.82 9.34
N VAL A 245 -1.64 -6.17 8.13
CA VAL A 245 -2.67 -7.21 7.92
C VAL A 245 -2.33 -8.49 8.71
N PRO A 246 -3.14 -8.84 9.71
CA PRO A 246 -2.75 -9.97 10.57
C PRO A 246 -2.55 -11.29 9.80
N LYS A 247 -3.41 -11.57 8.82
CA LYS A 247 -3.29 -12.81 8.07
C LYS A 247 -2.07 -12.83 7.13
N PHE A 248 -1.28 -11.75 7.12
CA PHE A 248 0.01 -11.73 6.43
C PHE A 248 1.17 -11.71 7.42
N VAL A 249 1.01 -11.05 8.57
CA VAL A 249 2.16 -10.82 9.46
C VAL A 249 2.31 -11.80 10.62
N LEU A 250 1.20 -12.39 11.05
CA LEU A 250 1.24 -13.31 12.19
C LEU A 250 1.17 -14.74 11.69
N GLN A 251 2.17 -15.55 12.02
CA GLN A 251 2.19 -16.94 11.56
C GLN A 251 0.89 -17.67 11.90
N ALA A 252 0.42 -17.50 13.14
CA ALA A 252 -0.80 -18.19 13.56
C ALA A 252 -1.98 -17.78 12.70
N ALA A 253 -2.03 -16.52 12.27
CA ALA A 253 -3.13 -16.06 11.44
C ALA A 253 -3.03 -16.55 10.00
N VAL A 254 -1.82 -16.61 9.46
CA VAL A 254 -1.61 -17.24 8.16
C VAL A 254 -2.12 -18.68 8.18
N ASP A 255 -1.72 -19.43 9.20
CA ASP A 255 -2.10 -20.84 9.32
C ASP A 255 -3.61 -20.97 9.53
N TRP A 256 -4.18 -20.11 10.37
CA TRP A 256 -5.61 -20.14 10.64
C TRP A 256 -6.41 -19.89 9.37
N THR A 257 -6.00 -18.88 8.61
CA THR A 257 -6.70 -18.54 7.38
C THR A 257 -6.62 -19.69 6.37
N ALA A 258 -5.46 -20.34 6.29
CA ALA A 258 -5.33 -21.50 5.40
C ALA A 258 -6.28 -22.61 5.82
N GLU A 259 -6.36 -22.87 7.12
CA GLU A 259 -7.28 -23.88 7.62
C GLU A 259 -8.75 -23.49 7.43
N ALA A 260 -9.07 -22.22 7.61
CA ALA A 260 -10.42 -21.74 7.35
C ALA A 260 -10.78 -21.94 5.87
N ASP A 261 -9.85 -21.61 4.98
CA ASP A 261 -10.08 -21.75 3.55
C ASP A 261 -10.28 -23.24 3.19
N ASP A 262 -9.46 -24.11 3.77
CA ASP A 262 -9.61 -25.55 3.54
C ASP A 262 -10.96 -26.03 4.02
N ASN A 263 -11.39 -25.53 5.17
CA ASN A 263 -12.68 -25.92 5.73
C ASN A 263 -13.83 -25.49 4.81
N MET A 264 -13.71 -24.30 4.23
CA MET A 264 -14.73 -23.85 3.28
C MET A 264 -14.81 -24.81 2.09
N ARG A 265 -13.66 -25.14 1.52
CA ARG A 265 -13.64 -26.05 0.39
C ARG A 265 -14.17 -27.43 0.77
N ALA A 266 -13.92 -27.86 2.00
CA ALA A 266 -14.42 -29.15 2.48
C ALA A 266 -15.94 -29.21 2.48
N HIS A 267 -16.58 -28.05 2.51
CA HIS A 267 -18.04 -27.96 2.50
C HIS A 267 -18.56 -27.61 1.11
N GLY A 268 -17.69 -27.65 0.12
CA GLY A 268 -18.08 -27.42 -1.25
C GLY A 268 -18.17 -25.95 -1.66
N PHE A 269 -17.60 -25.07 -0.85
CA PHE A 269 -17.60 -23.64 -1.16
C PHE A 269 -16.23 -23.15 -1.59
N HIS A 270 -16.20 -22.23 -2.55
CA HIS A 270 -14.99 -21.48 -2.84
C HIS A 270 -14.63 -20.69 -1.59
N HIS A 271 -13.34 -20.56 -1.30
CA HIS A 271 -12.95 -19.92 -0.05
C HIS A 271 -13.38 -18.46 0.05
N LEU A 272 -13.72 -17.85 -1.09
CA LEU A 272 -14.17 -16.46 -1.11
C LEU A 272 -15.69 -16.31 -1.17
N ASP A 273 -16.40 -17.42 -1.09
CA ASP A 273 -17.86 -17.41 -1.16
C ASP A 273 -18.43 -16.67 0.06
N SER A 274 -19.29 -15.69 -0.19
CA SER A 274 -19.81 -14.86 0.90
C SER A 274 -21.33 -15.01 1.10
N SER A 275 -21.89 -16.07 0.55
CA SER A 275 -23.31 -16.37 0.74
C SER A 275 -23.60 -16.69 2.20
N PRO A 276 -24.86 -16.53 2.63
CA PRO A 276 -25.25 -16.88 4.00
C PRO A 276 -24.86 -18.32 4.36
N GLU A 277 -25.00 -19.25 3.41
CA GLU A 277 -24.65 -20.64 3.66
C GLU A 277 -23.15 -20.80 3.92
N ALA A 278 -22.32 -20.12 3.13
CA ALA A 278 -20.88 -20.17 3.33
C ALA A 278 -20.50 -19.53 4.66
N MET A 279 -21.18 -18.45 5.00
CA MET A 279 -20.88 -17.75 6.25
C MET A 279 -21.19 -18.61 7.47
N LYS A 280 -22.23 -19.45 7.37
CA LYS A 280 -22.56 -20.38 8.45
C LYS A 280 -21.40 -21.34 8.68
N VAL A 281 -20.83 -21.84 7.59
CA VAL A 281 -19.71 -22.76 7.68
C VAL A 281 -18.51 -22.09 8.33
N HIS A 282 -18.21 -20.87 7.89
CA HIS A 282 -17.08 -20.17 8.45
C HIS A 282 -17.29 -19.84 9.94
N ALA A 283 -18.51 -19.44 10.30
CA ALA A 283 -18.80 -19.14 11.69
C ALA A 283 -18.58 -20.35 12.58
N ALA A 284 -18.93 -21.53 12.07
CA ALA A 284 -18.74 -22.77 12.83
C ALA A 284 -17.25 -23.07 13.00
N PHE A 285 -16.45 -22.77 11.98
CA PHE A 285 -15.01 -22.93 12.12
C PHE A 285 -14.45 -22.00 13.20
N GLU A 286 -14.85 -20.75 13.15
CA GLU A 286 -14.33 -19.79 14.13
C GLU A 286 -14.80 -20.13 15.54
N GLU A 287 -15.97 -20.75 15.64
CA GLU A 287 -16.46 -21.21 16.94
C GLU A 287 -15.53 -22.26 17.54
N ARG A 288 -15.04 -23.19 16.73
CA ARG A 288 -14.14 -24.20 17.29
C ARG A 288 -12.67 -23.77 17.28
N VAL A 289 -12.32 -22.79 16.45
CA VAL A 289 -10.96 -22.27 16.41
C VAL A 289 -10.97 -20.74 16.36
N PRO A 290 -10.82 -20.09 17.52
CA PRO A 290 -10.87 -18.62 17.50
C PRO A 290 -9.77 -17.99 16.62
N ARG A 291 -10.10 -16.86 16.02
CA ARG A 291 -9.15 -16.12 15.20
C ARG A 291 -7.99 -15.60 16.05
N PRO A 292 -6.74 -15.92 15.66
CA PRO A 292 -5.61 -15.40 16.42
C PRO A 292 -5.44 -13.90 16.22
N VAL A 293 -4.85 -13.25 17.21
CA VAL A 293 -4.73 -11.80 17.22
C VAL A 293 -3.25 -11.41 17.23
N ALA A 294 -2.89 -10.56 16.27
CA ALA A 294 -1.53 -10.04 16.17
C ALA A 294 -1.34 -8.87 17.12
N THR A 295 -0.08 -8.46 17.29
CA THR A 295 0.24 -7.33 18.16
C THR A 295 1.23 -6.40 17.48
N VAL A 296 1.55 -5.30 18.14
CA VAL A 296 2.58 -4.40 17.65
C VAL A 296 3.90 -5.16 17.49
N SER A 297 4.19 -6.04 18.45
CA SER A 297 5.40 -6.85 18.40
C SER A 297 5.50 -7.65 17.09
N THR A 298 4.36 -8.18 16.62
CA THR A 298 4.35 -8.93 15.37
C THR A 298 4.88 -8.08 14.22
N VAL A 299 4.37 -6.86 14.13
CA VAL A 299 4.79 -5.95 13.06
C VAL A 299 6.26 -5.55 13.21
N ALA A 300 6.67 -5.27 14.45
CA ALA A 300 8.08 -4.96 14.70
C ALA A 300 9.01 -6.11 14.29
N ASP A 301 8.57 -7.36 14.46
CA ASP A 301 9.39 -8.48 14.01
C ASP A 301 9.66 -8.40 12.51
N HIS A 302 8.64 -8.01 11.74
CA HIS A 302 8.85 -7.84 10.30
C HIS A 302 9.82 -6.71 10.00
N LEU A 303 9.64 -5.57 10.66
CA LEU A 303 10.54 -4.44 10.44
C LEU A 303 11.98 -4.75 10.82
N ASP A 304 12.19 -5.49 11.91
CA ASP A 304 13.55 -5.84 12.30
C ASP A 304 14.22 -6.63 11.19
N HIS A 305 13.52 -7.62 10.64
CA HIS A 305 14.13 -8.45 9.61
C HIS A 305 14.32 -7.68 8.31
N MET A 306 13.31 -6.88 7.95
CA MET A 306 13.39 -6.07 6.75
C MET A 306 14.56 -5.09 6.85
N ARG A 307 14.78 -4.53 8.03
N ARG A 307 14.78 -4.53 8.03
CA ARG A 307 15.91 -3.65 8.24
CA ARG A 307 15.92 -3.64 8.23
C ARG A 307 17.24 -4.38 8.01
C ARG A 307 17.24 -4.38 8.00
N GLU A 308 17.34 -5.59 8.54
CA GLU A 308 18.56 -6.37 8.40
C GLU A 308 18.88 -6.66 6.93
N VAL A 309 17.85 -7.02 6.17
CA VAL A 309 18.08 -7.44 4.79
C VAL A 309 18.08 -6.28 3.78
N ALA A 310 17.10 -5.39 3.91
CA ALA A 310 16.95 -4.29 2.96
C ALA A 310 17.77 -3.06 3.35
N GLY A 311 17.96 -2.85 4.64
CA GLY A 311 18.57 -1.62 5.13
C GLY A 311 17.57 -0.58 5.57
N VAL A 312 17.93 0.19 6.59
CA VAL A 312 17.05 1.20 7.17
C VAL A 312 16.60 2.28 6.18
N ASP A 313 17.36 2.50 5.11
CA ASP A 313 17.03 3.51 4.11
C ASP A 313 15.98 3.03 3.13
N HIS A 314 15.54 1.78 3.30
CA HIS A 314 14.65 1.16 2.32
C HIS A 314 13.37 0.59 2.93
N LEU A 315 12.89 1.28 3.97
CA LEU A 315 11.71 0.86 4.73
C LEU A 315 10.72 2.00 4.88
N GLY A 316 9.44 1.64 4.92
CA GLY A 316 8.39 2.58 5.27
C GLY A 316 7.24 1.85 5.94
N ILE A 317 6.09 2.50 6.00
CA ILE A 317 4.91 1.94 6.64
C ILE A 317 3.72 2.10 5.70
N GLY A 318 2.96 1.02 5.52
CA GLY A 318 1.74 1.05 4.73
C GLY A 318 0.68 0.23 5.44
N GLY A 319 -0.10 0.89 6.30
CA GLY A 319 -0.95 0.19 7.25
C GLY A 319 -2.07 -0.63 6.68
N ASP A 320 -2.57 -0.24 5.50
CA ASP A 320 -3.75 -0.87 4.89
C ASP A 320 -5.04 -0.54 5.64
N TYR A 321 -5.06 0.56 6.38
CA TYR A 321 -6.28 0.94 7.08
C TYR A 321 -7.44 1.16 6.13
N ASP A 322 -8.62 0.74 6.60
CA ASP A 322 -9.86 0.75 5.82
C ASP A 322 -9.86 -0.12 4.57
N GLY A 323 -8.81 -0.95 4.44
CA GLY A 323 -8.74 -1.92 3.35
C GLY A 323 -8.80 -3.36 3.80
N THR A 324 -8.82 -3.58 5.11
CA THR A 324 -8.75 -4.91 5.67
C THR A 324 -9.57 -4.90 6.96
N PRO A 325 -10.22 -6.02 7.30
CA PRO A 325 -11.17 -5.97 8.42
C PRO A 325 -10.54 -6.08 9.81
N PHE A 326 -9.41 -6.76 9.93
CA PHE A 326 -8.83 -7.03 11.24
C PHE A 326 -7.49 -6.33 11.37
N THR A 327 -7.14 -6.01 12.61
CA THR A 327 -5.93 -5.25 12.90
C THR A 327 -5.20 -5.84 14.10
N PRO A 328 -3.90 -5.60 14.19
CA PRO A 328 -3.18 -6.01 15.40
C PRO A 328 -3.62 -5.20 16.61
N ASP A 329 -3.57 -5.83 17.79
CA ASP A 329 -3.76 -5.10 19.03
C ASP A 329 -2.72 -3.98 19.08
N GLY A 330 -3.16 -2.80 19.47
CA GLY A 330 -2.28 -1.63 19.53
C GLY A 330 -2.22 -0.87 18.21
N LEU A 331 -2.73 -1.48 17.15
CA LEU A 331 -2.77 -0.84 15.84
C LEU A 331 -4.19 -0.90 15.27
N GLY A 332 -5.18 -0.75 16.15
CA GLY A 332 -6.58 -0.92 15.78
C GLY A 332 -7.15 0.10 14.81
N ASP A 333 -6.51 1.25 14.68
CA ASP A 333 -6.96 2.26 13.73
C ASP A 333 -5.79 3.21 13.46
N VAL A 334 -6.02 4.27 12.68
CA VAL A 334 -4.92 5.12 12.26
C VAL A 334 -4.26 5.90 13.40
N SER A 335 -4.83 5.86 14.59
CA SER A 335 -4.18 6.52 15.75
C SER A 335 -3.08 5.69 16.37
N GLY A 336 -2.86 4.47 15.85
CA GLY A 336 -1.99 3.53 16.52
C GLY A 336 -0.50 3.65 16.29
N TYR A 337 -0.07 4.39 15.26
CA TYR A 337 1.34 4.36 14.89
C TYR A 337 2.34 4.63 16.03
N PRO A 338 2.02 5.56 16.95
CA PRO A 338 2.99 5.79 18.03
C PRO A 338 3.31 4.52 18.83
N ASN A 339 2.37 3.58 18.93
CA ASN A 339 2.64 2.34 19.62
C ASN A 339 3.72 1.53 18.92
N LEU A 340 3.71 1.54 17.59
CA LEU A 340 4.74 0.85 16.84
C LEU A 340 6.09 1.54 16.99
N ILE A 341 6.10 2.87 16.89
CA ILE A 341 7.34 3.61 17.07
C ILE A 341 7.93 3.38 18.48
N ALA A 342 7.07 3.32 19.50
CA ALA A 342 7.53 3.07 20.86
C ALA A 342 8.18 1.69 20.98
N GLU A 343 7.56 0.68 20.36
CA GLU A 343 8.13 -0.66 20.38
C GLU A 343 9.50 -0.67 19.72
N LEU A 344 9.63 0.03 18.59
CA LEU A 344 10.92 0.09 17.90
C LEU A 344 11.98 0.81 18.74
N LEU A 345 11.60 1.89 19.42
CA LEU A 345 12.52 2.53 20.37
C LEU A 345 12.99 1.53 21.41
N ASP A 346 12.07 0.74 21.94
CA ASP A 346 12.42 -0.25 22.96
C ASP A 346 13.36 -1.32 22.41
N ARG A 347 13.31 -1.56 21.11
CA ARG A 347 14.19 -2.52 20.46
C ARG A 347 15.50 -1.88 20.00
N GLY A 348 15.69 -0.61 20.32
CA GLY A 348 16.96 0.05 20.04
C GLY A 348 17.07 0.81 18.73
N TRP A 349 15.96 0.99 18.02
CA TRP A 349 16.00 1.79 16.80
C TRP A 349 16.34 3.23 17.16
N SER A 350 17.21 3.86 16.38
CA SER A 350 17.62 5.23 16.69
C SER A 350 16.59 6.25 16.19
N GLN A 351 16.72 7.48 16.68
CA GLN A 351 15.83 8.55 16.21
C GLN A 351 15.97 8.77 14.71
N SER A 352 17.19 8.76 14.20
CA SER A 352 17.35 8.96 12.75
C SER A 352 16.83 7.75 11.96
N ASP A 353 17.00 6.55 12.50
CA ASP A 353 16.43 5.35 11.86
C ASP A 353 14.92 5.55 11.70
N LEU A 354 14.29 6.01 12.77
CA LEU A 354 12.84 6.15 12.79
C LEU A 354 12.36 7.29 11.89
N ALA A 355 13.14 8.36 11.78
CA ALA A 355 12.75 9.46 10.88
C ALA A 355 12.80 9.02 9.42
N LYS A 356 13.71 8.10 9.10
CA LYS A 356 13.79 7.50 7.76
C LYS A 356 12.55 6.65 7.50
N LEU A 357 12.23 5.77 8.47
CA LEU A 357 11.10 4.87 8.37
C LEU A 357 9.80 5.63 8.16
N THR A 358 9.61 6.69 8.94
CA THR A 358 8.34 7.40 8.89
C THR A 358 8.27 8.35 7.69
N TRP A 359 9.27 9.22 7.54
CA TRP A 359 9.20 10.35 6.63
C TRP A 359 10.25 10.38 5.51
N LYS A 360 11.53 10.27 5.88
CA LYS A 360 12.58 10.66 4.93
C LYS A 360 12.73 9.70 3.76
N ASN A 361 12.53 8.41 3.99
CA ASN A 361 12.70 7.47 2.88
C ASN A 361 11.64 7.73 1.79
N ALA A 362 10.40 7.93 2.21
CA ALA A 362 9.31 8.15 1.27
C ALA A 362 9.54 9.40 0.44
N VAL A 363 10.00 10.48 1.07
CA VAL A 363 10.24 11.71 0.32
C VAL A 363 11.42 11.51 -0.66
N ARG A 364 12.46 10.81 -0.23
CA ARG A 364 13.60 10.56 -1.10
C ARG A 364 13.16 9.79 -2.33
N VAL A 365 12.34 8.76 -2.12
CA VAL A 365 11.93 7.90 -3.22
C VAL A 365 11.07 8.64 -4.23
N LEU A 366 10.13 9.46 -3.77
CA LEU A 366 9.31 10.22 -4.71
C LEU A 366 10.17 11.25 -5.47
N ASP A 367 11.10 11.90 -4.77
CA ASP A 367 12.00 12.82 -5.44
C ASP A 367 12.82 12.09 -6.51
N ALA A 368 13.28 10.87 -6.21
CA ALA A 368 14.07 10.10 -7.17
C ALA A 368 13.24 9.78 -8.41
N ALA A 369 11.97 9.40 -8.22
CA ALA A 369 11.09 9.16 -9.36
C ALA A 369 10.98 10.40 -10.23
N GLU A 370 10.87 11.58 -9.60
CA GLU A 370 10.80 12.84 -10.34
C GLU A 370 12.09 13.08 -11.13
N ASP A 371 13.22 12.77 -10.50
CA ASP A 371 14.53 12.97 -11.11
C ASP A 371 14.69 12.07 -12.34
N VAL A 372 14.34 10.79 -12.20
CA VAL A 372 14.43 9.87 -13.33
C VAL A 372 13.49 10.34 -14.45
N SER A 373 12.28 10.77 -14.08
CA SER A 373 11.33 11.28 -15.05
C SER A 373 11.87 12.50 -15.82
N ARG A 374 12.54 13.42 -15.13
CA ARG A 374 13.12 14.55 -15.84
C ARG A 374 14.03 14.08 -16.96
N GLY A 375 14.88 13.10 -16.66
CA GLY A 375 15.83 12.62 -17.64
C GLY A 375 15.14 11.95 -18.82
N LEU A 376 14.18 11.09 -18.52
CA LEU A 376 13.49 10.34 -19.58
C LEU A 376 12.59 11.24 -20.42
N ARG A 377 11.94 12.23 -19.79
CA ARG A 377 11.07 13.13 -20.56
C ARG A 377 11.87 13.98 -21.53
N ALA A 378 13.10 14.33 -21.14
CA ALA A 378 14.00 15.09 -22.01
C ALA A 378 14.57 14.23 -23.13
N ALA A 379 14.68 12.92 -22.88
CA ALA A 379 15.37 12.02 -23.81
C ALA A 379 14.50 11.47 -24.93
N ARG A 380 13.20 11.34 -24.68
CA ARG A 380 12.31 10.72 -25.66
C ARG A 380 10.89 11.17 -25.42
N GLY A 381 10.03 10.93 -26.40
CA GLY A 381 8.61 11.17 -26.23
C GLY A 381 7.92 9.99 -25.57
N PRO A 382 6.63 10.15 -25.27
CA PRO A 382 5.84 9.10 -24.65
C PRO A 382 5.65 7.92 -25.61
N SER A 383 5.40 6.75 -25.06
CA SER A 383 5.20 5.56 -25.87
C SER A 383 3.81 5.50 -26.45
N ASN A 384 3.75 5.09 -27.70
CA ASN A 384 2.51 4.89 -28.44
C ASN A 384 2.18 3.40 -28.60
N ALA A 385 2.93 2.55 -27.90
CA ALA A 385 2.82 1.10 -28.11
C ALA A 385 1.51 0.52 -27.59
N THR A 386 1.05 -0.55 -28.22
CA THR A 386 -0.14 -1.26 -27.78
C THR A 386 0.19 -2.66 -27.29
N ILE A 387 -0.73 -3.25 -26.54
CA ILE A 387 -0.52 -4.58 -26.02
C ILE A 387 -0.50 -5.62 -27.16
N GLU A 388 -1.30 -5.39 -28.19
CA GLU A 388 -1.27 -6.25 -29.37
C GLU A 388 0.09 -6.24 -30.06
N GLN A 389 0.67 -5.05 -30.18
CA GLN A 389 1.97 -4.91 -30.83
C GLN A 389 3.05 -5.66 -30.07
N LEU A 390 3.06 -5.51 -28.74
CA LEU A 390 4.16 -6.07 -27.96
C LEU A 390 3.95 -7.49 -27.48
N ASP A 391 2.70 -7.87 -27.21
CA ASP A 391 2.41 -9.19 -26.68
C ASP A 391 1.75 -10.14 -27.70
N GLY A 392 1.33 -9.60 -28.84
CA GLY A 392 0.64 -10.39 -29.84
C GLY A 392 -0.86 -10.38 -29.61
N THR A 393 -1.62 -10.79 -30.61
CA THR A 393 -3.08 -10.78 -30.49
C THR A 393 -3.57 -11.83 -29.49
C1 P4D B . -8.96 -5.04 -0.90
N1 P4D B . -7.92 -2.82 -1.37
C2 P4D B . -8.09 -3.89 -0.37
P3 P4D B . -6.39 -4.45 -0.02
C4 P4D B . -6.39 -5.58 1.38
C5 P4D B . -5.77 -6.97 1.12
C6 P4D B . -4.33 -6.91 0.59
C7 P4D B . -5.93 -7.80 2.40
C8 P4D B . -7.36 -8.24 2.69
CG P4D B . -10.45 -4.88 -0.80
OH P4D B . -14.61 -4.51 -0.66
CZ P4D B . -13.23 -4.62 -0.72
O31 P4D B . -5.59 -3.20 0.30
O32 P4D B . -5.79 -5.16 -1.29
O61 P4D B . -3.81 -7.96 0.22
O62 P4D B . -3.75 -5.79 0.55
O81 P4D B . -8.03 -8.65 1.72
O82 P4D B . -7.76 -8.14 3.86
CD1 P4D B . -11.23 -5.12 -1.92
CD2 P4D B . -11.09 -4.50 0.38
CE1 P4D B . -12.61 -5.01 -1.89
CE2 P4D B . -12.48 -4.38 0.43
ZN ZN C . -6.12 -1.57 -0.92
ZN ZN D . -3.83 -4.46 -1.26
C1 EDO E . -6.38 -6.65 -18.37
O1 EDO E . -4.96 -6.50 -18.49
C2 EDO E . -6.93 -5.69 -17.32
O2 EDO E . -6.69 -4.36 -17.77
C1 EDO F . 15.87 18.06 -4.78
O1 EDO F . 16.25 16.69 -4.74
C2 EDO F . 16.20 18.65 -6.14
O2 EDO F . 15.68 17.80 -7.18
C1 EDO G . 5.57 -13.87 12.75
O1 EDO G . 4.41 -14.37 13.43
C2 EDO G . 6.05 -12.60 13.45
O2 EDO G . 6.51 -12.91 14.76
C1 EDO H . 18.86 4.90 -1.38
O1 EDO H . 19.74 4.11 -2.19
C2 EDO H . 19.66 5.75 -0.40
O2 EDO H . 20.45 4.91 0.45
C1 EDO I . 17.32 8.19 -4.23
O1 EDO I . 17.60 7.29 -5.31
C2 EDO I . 18.07 9.51 -4.34
O2 EDO I . 17.76 10.20 -5.56
C1 EDO J . -14.64 0.06 12.41
O1 EDO J . -15.25 -1.08 13.04
C2 EDO J . -13.13 -0.20 12.28
O2 EDO J . -12.54 -0.34 13.58
C1 EDO K . -12.25 14.67 -10.57
O1 EDO K . -12.68 15.37 -9.41
C2 EDO K . -10.72 14.48 -10.55
O2 EDO K . -10.09 15.73 -10.30
#